data_2JYJ
#
_entry.id   2JYJ
#
_entity_poly.entity_id   1
_entity_poly.type   'polyribonucleotide'
_entity_poly.pdbx_seq_one_letter_code
;GGGAUAUGGAAGAACCGGGGAAACUUGGUUCUUCCUAAGUCCU
;
_entity_poly.pdbx_strand_id   A,B
#